data_1HYG
#
_entry.id   1HYG
#
_cell.length_a   98.213
_cell.length_b   98.213
_cell.length_c   167.233
_cell.angle_alpha   90.00
_cell.angle_beta   90.00
_cell.angle_gamma   90.00
#
_symmetry.space_group_name_H-M   'P 42 21 2'
#
loop_
_entity.id
_entity.type
_entity.pdbx_description
1 polymer 'L-LACTATE/MALATE DEHYDROGENASE'
2 non-polymer 'NADP NICOTINAMIDE-ADENINE-DINUCLEOTIDE PHOSPHATE'
3 water water
#
_entity_poly.entity_id   1
_entity_poly.type   'polypeptide(L)'
_entity_poly.pdbx_seq_one_letter_code
;MKVTIIGASGRVGSATALLLAKEPFMKDLVLIGREHSINKLEGLREDIYDALAGTRSDANIYVESDENLRIIDESDVVII
TSGVPRKEGMSRMDLAKTNAKIVGKYAKKIAEICDTKIFVITNPVDVMTYKALVDSKFERNQVFGLGTHLDSLRFKVAIA
KFFGVHIDEVRTRIIGEHGDSMVPLLSATSIGGIPIQKFERFKELPIDEIIEDVKTKGEQIIRLKGGSEFGPAAAILNVV
RCIVNNEKRLLTLSAYVDGEFDGIRDVCIGVPVKIGRDGIEEVVSIELDKDEIIAFRKSAEIIKKYCEEVKNL
;
_entity_poly.pdbx_strand_id   A,B
#
# COMPACT_ATOMS: atom_id res chain seq x y z
N MET A 1 4.67 -0.75 -20.67
CA MET A 1 5.76 0.11 -20.13
C MET A 1 6.69 -0.70 -19.21
N LYS A 2 7.94 -0.30 -19.13
CA LYS A 2 8.90 -0.97 -18.28
C LYS A 2 9.51 0.01 -17.29
N VAL A 3 9.16 -0.16 -16.02
CA VAL A 3 9.69 0.70 -14.98
C VAL A 3 10.61 -0.16 -14.12
N THR A 4 11.65 0.47 -13.60
CA THR A 4 12.57 -0.22 -12.72
C THR A 4 12.63 0.62 -11.47
N ILE A 5 12.63 -0.06 -10.33
CA ILE A 5 12.69 0.63 -9.08
C ILE A 5 13.97 0.17 -8.42
N ILE A 6 14.78 1.13 -8.00
CA ILE A 6 16.03 0.85 -7.34
C ILE A 6 15.81 1.12 -5.87
N GLY A 7 15.56 0.05 -5.14
CA GLY A 7 15.32 0.19 -3.72
C GLY A 7 13.92 -0.26 -3.42
N ALA A 8 13.41 -1.14 -4.28
CA ALA A 8 12.08 -1.69 -4.15
C ALA A 8 11.84 -2.36 -2.81
N SER A 9 12.91 -2.54 -2.01
CA SER A 9 12.77 -3.18 -0.71
C SER A 9 12.37 -2.21 0.40
N GLY A 10 12.69 -0.93 0.23
CA GLY A 10 12.35 0.05 1.25
C GLY A 10 10.85 0.31 1.32
N ARG A 11 10.40 1.05 2.34
CA ARG A 11 8.97 1.35 2.48
C ARG A 11 8.41 1.91 1.17
N VAL A 12 8.90 3.07 0.76
CA VAL A 12 8.44 3.70 -0.47
C VAL A 12 8.65 2.80 -1.70
N GLY A 13 9.83 2.18 -1.80
CA GLY A 13 10.06 1.30 -2.92
C GLY A 13 8.97 0.23 -3.02
N SER A 14 8.63 -0.37 -1.88
CA SER A 14 7.60 -1.42 -1.83
C SER A 14 6.22 -0.91 -2.23
N ALA A 15 5.79 0.15 -1.56
CA ALA A 15 4.50 0.77 -1.78
C ALA A 15 4.35 1.16 -3.24
N THR A 16 5.42 1.71 -3.79
CA THR A 16 5.43 2.15 -5.17
C THR A 16 5.29 0.99 -6.16
N ALA A 17 5.97 -0.12 -5.91
CA ALA A 17 5.88 -1.24 -6.84
C ALA A 17 4.45 -1.77 -6.80
N LEU A 18 3.87 -1.81 -5.61
CA LEU A 18 2.51 -2.28 -5.43
C LEU A 18 1.59 -1.50 -6.36
N LEU A 19 1.56 -0.19 -6.18
CA LEU A 19 0.74 0.68 -7.01
C LEU A 19 1.04 0.55 -8.50
N LEU A 20 2.33 0.44 -8.84
CA LEU A 20 2.69 0.35 -10.24
C LEU A 20 2.26 -0.95 -10.90
N ALA A 21 2.25 -2.05 -10.15
CA ALA A 21 1.85 -3.35 -10.70
C ALA A 21 0.36 -3.38 -11.04
N LYS A 22 -0.43 -2.55 -10.37
CA LYS A 22 -1.86 -2.50 -10.63
C LYS A 22 -2.19 -1.71 -11.90
N GLU A 23 -1.28 -0.83 -12.33
CA GLU A 23 -1.49 -0.02 -13.52
C GLU A 23 -1.62 -0.85 -14.79
N PRO A 24 -2.60 -0.51 -15.64
CA PRO A 24 -2.86 -1.21 -16.90
C PRO A 24 -1.68 -1.11 -17.84
N PHE A 25 -0.94 -0.01 -17.73
CA PHE A 25 0.21 0.24 -18.59
C PHE A 25 1.51 -0.44 -18.19
N MET A 26 1.54 -1.02 -16.99
CA MET A 26 2.74 -1.68 -16.48
C MET A 26 2.92 -3.07 -17.07
N LYS A 27 3.93 -3.23 -17.92
CA LYS A 27 4.18 -4.51 -18.56
C LYS A 27 5.28 -5.32 -17.88
N ASP A 28 6.37 -4.64 -17.53
CA ASP A 28 7.52 -5.26 -16.88
C ASP A 28 7.98 -4.38 -15.74
N LEU A 29 7.79 -4.85 -14.51
CA LEU A 29 8.22 -4.09 -13.34
C LEU A 29 9.49 -4.73 -12.78
N VAL A 30 10.62 -4.04 -12.88
CA VAL A 30 11.88 -4.55 -12.38
C VAL A 30 12.22 -4.03 -11.00
N LEU A 31 12.30 -4.94 -10.05
CA LEU A 31 12.62 -4.56 -8.69
C LEU A 31 14.07 -4.93 -8.47
N ILE A 32 14.91 -3.91 -8.29
CA ILE A 32 16.33 -4.08 -8.10
C ILE A 32 16.79 -3.72 -6.68
N GLY A 33 17.74 -4.51 -6.18
CA GLY A 33 18.28 -4.28 -4.86
C GLY A 33 19.61 -4.99 -4.66
N ARG A 34 20.27 -4.72 -3.53
CA ARG A 34 21.54 -5.36 -3.25
C ARG A 34 21.39 -6.85 -2.98
N GLU A 35 22.46 -7.58 -3.27
CA GLU A 35 22.50 -9.03 -3.09
C GLU A 35 21.85 -9.60 -1.83
N HIS A 36 22.00 -8.91 -0.70
CA HIS A 36 21.43 -9.42 0.56
C HIS A 36 19.95 -9.15 0.77
N SER A 37 19.39 -8.24 -0.01
CA SER A 37 17.97 -7.93 0.12
C SER A 37 17.21 -8.42 -1.10
N ILE A 38 17.65 -9.53 -1.68
CA ILE A 38 16.98 -10.10 -2.82
C ILE A 38 15.80 -10.97 -2.39
N ASN A 39 15.89 -11.54 -1.19
CA ASN A 39 14.80 -12.38 -0.69
C ASN A 39 13.63 -11.53 -0.28
N LYS A 40 13.92 -10.30 0.12
CA LYS A 40 12.87 -9.37 0.53
C LYS A 40 12.09 -8.93 -0.71
N LEU A 41 12.76 -8.90 -1.86
CA LEU A 41 12.10 -8.49 -3.09
C LEU A 41 11.24 -9.63 -3.61
N GLU A 42 11.80 -10.83 -3.67
CA GLU A 42 11.04 -11.96 -4.16
C GLU A 42 9.85 -12.13 -3.22
N GLY A 43 10.06 -11.74 -1.97
CA GLY A 43 9.01 -11.82 -0.98
C GLY A 43 7.97 -10.78 -1.30
N LEU A 44 8.43 -9.67 -1.86
CA LEU A 44 7.56 -8.56 -2.25
C LEU A 44 6.79 -8.95 -3.51
N ARG A 45 7.50 -9.54 -4.46
CA ARG A 45 6.85 -9.96 -5.70
C ARG A 45 5.69 -10.88 -5.40
N GLU A 46 5.91 -11.87 -4.55
CA GLU A 46 4.84 -12.80 -4.22
C GLU A 46 3.70 -12.06 -3.54
N ASP A 47 4.04 -11.14 -2.65
CA ASP A 47 3.01 -10.38 -1.93
C ASP A 47 2.15 -9.54 -2.88
N ILE A 48 2.80 -8.75 -3.74
CA ILE A 48 2.10 -7.93 -4.71
C ILE A 48 1.13 -8.83 -5.51
N TYR A 49 1.64 -9.94 -6.03
CA TYR A 49 0.83 -10.86 -6.82
C TYR A 49 -0.46 -11.24 -6.12
N ASP A 50 -0.42 -11.34 -4.79
CA ASP A 50 -1.60 -11.67 -4.01
C ASP A 50 -2.58 -10.52 -4.05
N ALA A 51 -2.07 -9.30 -3.93
CA ALA A 51 -2.92 -8.13 -3.96
C ALA A 51 -3.58 -7.98 -5.33
N LEU A 52 -2.99 -8.62 -6.34
CA LEU A 52 -3.53 -8.55 -7.70
C LEU A 52 -4.47 -9.71 -8.00
N ALA A 53 -4.50 -10.70 -7.12
CA ALA A 53 -5.32 -11.88 -7.32
C ALA A 53 -6.79 -11.56 -7.54
N GLY A 54 -7.27 -11.76 -8.77
CA GLY A 54 -8.67 -11.49 -9.08
C GLY A 54 -8.90 -10.38 -10.09
N THR A 55 -7.90 -9.52 -10.22
CA THR A 55 -7.95 -8.40 -11.14
C THR A 55 -7.04 -8.70 -12.32
N ARG A 56 -7.40 -8.19 -13.49
CA ARG A 56 -6.59 -8.40 -14.69
C ARG A 56 -5.26 -7.69 -14.50
N SER A 57 -4.19 -8.33 -14.97
CA SER A 57 -2.85 -7.75 -14.87
C SER A 57 -1.86 -8.60 -15.66
N ASP A 58 -1.00 -7.94 -16.43
CA ASP A 58 0.00 -8.64 -17.21
C ASP A 58 1.35 -8.19 -16.70
N ALA A 59 1.35 -7.63 -15.49
CA ALA A 59 2.56 -7.14 -14.85
C ALA A 59 3.58 -8.23 -14.52
N ASN A 60 4.67 -8.25 -15.28
CA ASN A 60 5.73 -9.22 -15.05
C ASN A 60 6.65 -8.55 -14.06
N ILE A 61 6.83 -9.16 -12.89
CA ILE A 61 7.70 -8.58 -11.88
C ILE A 61 9.01 -9.35 -11.95
N TYR A 62 10.13 -8.63 -11.88
CA TYR A 62 11.45 -9.25 -11.93
C TYR A 62 12.27 -8.74 -10.77
N VAL A 63 13.13 -9.61 -10.25
CA VAL A 63 13.97 -9.25 -9.12
C VAL A 63 15.42 -9.50 -9.49
N GLU A 64 16.31 -8.58 -9.14
CA GLU A 64 17.75 -8.71 -9.44
C GLU A 64 18.58 -7.88 -8.47
N SER A 65 19.84 -8.26 -8.32
CA SER A 65 20.78 -7.56 -7.45
C SER A 65 21.32 -6.36 -8.26
N ASP A 66 21.85 -5.37 -7.57
CA ASP A 66 22.39 -4.18 -8.22
C ASP A 66 23.81 -4.42 -8.69
N GLU A 67 24.01 -5.50 -9.43
CA GLU A 67 25.33 -5.83 -9.93
C GLU A 67 25.31 -5.78 -11.44
N ASN A 68 24.30 -6.40 -12.04
CA ASN A 68 24.18 -6.45 -13.48
C ASN A 68 22.85 -5.84 -13.91
N LEU A 69 22.76 -4.53 -13.93
CA LEU A 69 21.52 -3.86 -14.32
C LEU A 69 21.14 -4.11 -15.78
N ARG A 70 21.78 -5.09 -16.40
CA ARG A 70 21.50 -5.45 -17.79
C ARG A 70 20.00 -5.51 -18.04
N ILE A 71 19.27 -6.15 -17.13
CA ILE A 71 17.81 -6.31 -17.24
C ILE A 71 17.04 -5.00 -17.21
N ILE A 72 17.66 -3.96 -16.65
CA ILE A 72 16.99 -2.68 -16.58
C ILE A 72 17.03 -1.89 -17.87
N ASP A 73 17.56 -2.47 -18.94
CA ASP A 73 17.60 -1.74 -20.20
C ASP A 73 16.19 -1.63 -20.79
N GLU A 74 15.99 -0.58 -21.58
CA GLU A 74 14.71 -0.29 -22.23
C GLU A 74 13.60 0.15 -21.26
N SER A 75 13.99 0.42 -20.02
CA SER A 75 13.05 0.89 -19.03
C SER A 75 12.63 2.28 -19.47
N ASP A 76 11.34 2.59 -19.37
CA ASP A 76 10.85 3.91 -19.73
C ASP A 76 11.32 4.91 -18.69
N VAL A 77 11.45 4.43 -17.45
CA VAL A 77 11.92 5.26 -16.35
C VAL A 77 12.44 4.35 -15.23
N VAL A 78 13.41 4.87 -14.50
CA VAL A 78 14.03 4.14 -13.43
C VAL A 78 13.89 5.00 -12.18
N ILE A 79 13.21 4.47 -11.18
CA ILE A 79 13.01 5.22 -9.96
C ILE A 79 14.12 4.82 -9.00
N ILE A 80 14.52 5.75 -8.13
CA ILE A 80 15.58 5.48 -7.17
C ILE A 80 15.15 5.90 -5.77
N THR A 81 14.93 4.89 -4.94
CA THR A 81 14.52 5.11 -3.56
C THR A 81 15.65 4.73 -2.63
N SER A 82 16.71 4.16 -3.21
CA SER A 82 17.88 3.75 -2.41
C SER A 82 18.45 4.93 -1.61
N GLY A 83 18.94 4.63 -0.41
CA GLY A 83 19.49 5.69 0.41
C GLY A 83 19.54 5.35 1.89
N VAL A 84 20.45 6.00 2.59
CA VAL A 84 20.62 5.79 4.02
C VAL A 84 19.47 6.48 4.76
N PRO A 85 18.80 5.74 5.66
CA PRO A 85 17.68 6.25 6.46
C PRO A 85 18.07 7.37 7.40
N ARG A 86 18.97 8.25 6.95
CA ARG A 86 19.45 9.36 7.78
C ARG A 86 19.96 8.74 9.07
N LYS A 87 20.15 9.56 10.10
CA LYS A 87 20.66 9.05 11.38
C LYS A 87 20.89 10.20 12.35
N GLU A 88 20.85 9.89 13.64
CA GLU A 88 21.03 10.91 14.66
C GLU A 88 22.25 11.80 14.44
N GLY A 89 23.43 11.19 14.50
CA GLY A 89 24.65 11.96 14.32
C GLY A 89 24.79 12.60 12.95
N MET A 90 24.11 12.03 11.97
CA MET A 90 24.15 12.53 10.60
C MET A 90 23.68 13.99 10.51
N SER A 91 24.42 14.79 9.74
CA SER A 91 24.09 16.20 9.53
C SER A 91 23.60 16.36 8.08
N ARG A 92 22.96 17.49 7.78
CA ARG A 92 22.46 17.69 6.43
C ARG A 92 23.57 17.40 5.41
N MET A 93 24.73 18.02 5.61
CA MET A 93 25.86 17.82 4.71
C MET A 93 26.29 16.36 4.77
N ASP A 94 26.28 15.80 5.98
CA ASP A 94 26.65 14.42 6.16
C ASP A 94 25.70 13.51 5.38
N LEU A 95 24.41 13.82 5.48
CA LEU A 95 23.39 13.03 4.78
C LEU A 95 23.49 13.24 3.26
N ALA A 96 23.66 14.48 2.84
CA ALA A 96 23.78 14.79 1.42
C ALA A 96 24.88 13.95 0.81
N LYS A 97 26.08 14.13 1.33
CA LYS A 97 27.26 13.40 0.86
C LYS A 97 27.09 11.88 0.73
N THR A 98 26.47 11.25 1.73
CA THR A 98 26.28 9.80 1.73
C THR A 98 25.36 9.24 0.62
N ASN A 99 24.13 9.74 0.56
CA ASN A 99 23.20 9.25 -0.45
C ASN A 99 23.71 9.62 -1.82
N ALA A 100 24.52 10.67 -1.87
CA ALA A 100 25.09 11.14 -3.11
C ALA A 100 25.86 9.99 -3.79
N LYS A 101 26.67 9.31 -3.00
CA LYS A 101 27.45 8.21 -3.52
C LYS A 101 26.54 7.06 -3.92
N ILE A 102 25.45 6.90 -3.19
CA ILE A 102 24.50 5.83 -3.50
C ILE A 102 23.75 6.14 -4.79
N VAL A 103 23.15 7.33 -4.87
CA VAL A 103 22.40 7.71 -6.09
C VAL A 103 23.35 7.80 -7.28
N GLY A 104 24.50 8.46 -7.09
CA GLY A 104 25.47 8.55 -8.16
C GLY A 104 25.88 7.16 -8.63
N LYS A 105 26.17 6.30 -7.66
CA LYS A 105 26.57 4.95 -7.99
C LYS A 105 25.59 4.41 -9.01
N TYR A 106 24.32 4.36 -8.63
CA TYR A 106 23.29 3.84 -9.51
C TYR A 106 23.16 4.63 -10.80
N ALA A 107 23.21 5.95 -10.67
CA ALA A 107 23.11 6.82 -11.84
C ALA A 107 24.08 6.33 -12.90
N LYS A 108 25.37 6.25 -12.53
CA LYS A 108 26.41 5.80 -13.45
C LYS A 108 26.15 4.41 -13.98
N LYS A 109 25.83 3.47 -13.08
CA LYS A 109 25.59 2.09 -13.49
C LYS A 109 24.44 2.02 -14.49
N ILE A 110 23.41 2.83 -14.25
CA ILE A 110 22.27 2.86 -15.13
C ILE A 110 22.69 3.39 -16.50
N ALA A 111 23.32 4.57 -16.47
CA ALA A 111 23.78 5.24 -17.68
C ALA A 111 24.53 4.34 -18.65
N GLU A 112 25.32 3.41 -18.11
CA GLU A 112 26.10 2.48 -18.93
C GLU A 112 25.22 1.60 -19.80
N ILE A 113 24.16 1.08 -19.19
CA ILE A 113 23.21 0.20 -19.85
C ILE A 113 22.43 0.87 -20.97
N CYS A 114 21.98 2.10 -20.74
CA CYS A 114 21.20 2.82 -21.74
C CYS A 114 20.89 4.25 -21.28
N ASP A 115 20.04 4.92 -22.06
CA ASP A 115 19.59 6.28 -21.77
C ASP A 115 18.09 6.19 -21.41
N THR A 116 17.78 6.43 -20.15
CA THR A 116 16.40 6.36 -19.69
C THR A 116 16.09 7.56 -18.82
N LYS A 117 14.85 7.65 -18.35
CA LYS A 117 14.47 8.74 -17.45
C LYS A 117 14.84 8.28 -16.04
N ILE A 118 15.53 9.13 -15.28
CA ILE A 118 15.87 8.75 -13.92
C ILE A 118 15.02 9.63 -12.98
N PHE A 119 14.11 8.97 -12.25
CA PHE A 119 13.22 9.64 -11.33
C PHE A 119 13.81 9.41 -9.94
N VAL A 120 14.44 10.45 -9.42
CA VAL A 120 15.11 10.39 -8.13
C VAL A 120 14.22 10.76 -6.96
N ILE A 121 14.01 9.80 -6.06
CA ILE A 121 13.16 10.03 -4.90
C ILE A 121 14.00 10.27 -3.62
N THR A 122 15.09 9.54 -3.48
CA THR A 122 15.93 9.68 -2.28
C THR A 122 16.41 11.10 -2.00
N ASN A 123 16.52 11.44 -0.71
CA ASN A 123 16.95 12.77 -0.27
C ASN A 123 18.44 12.96 -0.01
N PRO A 124 18.92 14.22 -0.08
CA PRO A 124 18.10 15.41 -0.38
C PRO A 124 17.69 15.33 -1.84
N VAL A 125 16.38 15.18 -2.08
CA VAL A 125 15.85 15.05 -3.43
C VAL A 125 16.43 15.97 -4.51
N ASP A 126 16.57 17.26 -4.20
CA ASP A 126 17.12 18.21 -5.16
C ASP A 126 18.59 17.89 -5.41
N VAL A 127 19.36 17.91 -4.33
CA VAL A 127 20.79 17.62 -4.38
C VAL A 127 21.07 16.24 -4.95
N MET A 128 20.13 15.32 -4.78
CA MET A 128 20.30 13.97 -5.30
C MET A 128 19.90 13.89 -6.78
N THR A 129 18.95 14.73 -7.19
CA THR A 129 18.54 14.73 -8.57
C THR A 129 19.67 15.38 -9.34
N TYR A 130 20.29 16.36 -8.70
CA TYR A 130 21.43 17.04 -9.28
C TYR A 130 22.54 16.00 -9.53
N LYS A 131 22.92 15.31 -8.47
CA LYS A 131 23.96 14.29 -8.53
C LYS A 131 23.70 13.25 -9.61
N ALA A 132 22.52 12.63 -9.59
CA ALA A 132 22.15 11.62 -10.58
C ALA A 132 22.36 12.17 -11.99
N LEU A 133 22.03 13.45 -12.19
CA LEU A 133 22.18 14.08 -13.50
C LEU A 133 23.65 14.17 -13.86
N VAL A 134 24.46 14.61 -12.90
CA VAL A 134 25.90 14.76 -13.09
C VAL A 134 26.61 13.44 -13.36
N ASP A 135 26.31 12.42 -12.56
CA ASP A 135 26.94 11.13 -12.74
C ASP A 135 26.31 10.30 -13.82
N SER A 136 25.08 10.63 -14.21
CA SER A 136 24.45 9.85 -15.27
C SER A 136 24.94 10.39 -16.60
N LYS A 137 25.28 11.68 -16.61
CA LYS A 137 25.72 12.38 -17.81
C LYS A 137 24.59 12.43 -18.83
N PHE A 138 23.36 12.45 -18.35
CA PHE A 138 22.18 12.50 -19.20
C PHE A 138 21.81 13.92 -19.53
N GLU A 139 20.80 14.08 -20.39
CA GLU A 139 20.30 15.39 -20.79
C GLU A 139 19.42 15.89 -19.64
N ARG A 140 19.42 17.20 -19.42
CA ARG A 140 18.62 17.77 -18.35
C ARG A 140 17.14 17.38 -18.38
N ASN A 141 16.67 16.85 -19.51
CA ASN A 141 15.28 16.44 -19.65
C ASN A 141 15.02 15.01 -19.19
N GLN A 142 16.07 14.26 -18.91
CA GLN A 142 15.92 12.87 -18.51
C GLN A 142 16.07 12.61 -17.00
N VAL A 143 16.47 13.63 -16.25
CA VAL A 143 16.66 13.46 -14.82
C VAL A 143 15.87 14.50 -14.02
N PHE A 144 14.99 13.99 -13.16
CA PHE A 144 14.14 14.84 -12.32
C PHE A 144 13.83 14.11 -11.03
N GLY A 145 13.34 14.84 -10.04
CA GLY A 145 13.02 14.22 -8.76
C GLY A 145 11.69 14.67 -8.19
N LEU A 146 11.24 13.95 -7.17
CA LEU A 146 9.96 14.23 -6.52
C LEU A 146 9.86 15.67 -6.06
N GLY A 147 10.99 16.28 -5.75
CA GLY A 147 11.04 17.67 -5.31
C GLY A 147 9.92 18.11 -4.39
N THR A 148 9.32 19.23 -4.75
CA THR A 148 8.22 19.82 -3.99
C THR A 148 6.82 19.44 -4.52
N HIS A 149 6.75 18.35 -5.29
CA HIS A 149 5.45 17.95 -5.81
C HIS A 149 4.47 17.60 -4.70
N LEU A 150 4.87 16.72 -3.77
CA LEU A 150 3.95 16.35 -2.70
C LEU A 150 3.68 17.52 -1.75
N ASP A 151 4.68 18.37 -1.55
CA ASP A 151 4.49 19.53 -0.70
C ASP A 151 3.44 20.41 -1.37
N SER A 152 3.43 20.41 -2.70
CA SER A 152 2.45 21.22 -3.40
C SER A 152 1.05 20.66 -3.18
N LEU A 153 0.87 19.36 -3.34
CA LEU A 153 -0.46 18.78 -3.14
C LEU A 153 -0.89 19.05 -1.70
N ARG A 154 0.05 18.92 -0.77
CA ARG A 154 -0.18 19.14 0.65
C ARG A 154 -0.69 20.56 0.89
N PHE A 155 -0.14 21.52 0.15
CA PHE A 155 -0.52 22.93 0.27
C PHE A 155 -1.90 23.15 -0.34
N LYS A 156 -2.17 22.41 -1.43
CA LYS A 156 -3.45 22.44 -2.15
C LYS A 156 -4.60 22.00 -1.25
N VAL A 157 -4.40 20.89 -0.55
CA VAL A 157 -5.42 20.36 0.33
C VAL A 157 -5.75 21.39 1.40
N ALA A 158 -4.73 21.82 2.11
CA ALA A 158 -4.89 22.79 3.19
C ALA A 158 -5.76 23.96 2.75
N ILE A 159 -5.45 24.52 1.59
CA ILE A 159 -6.18 25.67 1.07
C ILE A 159 -7.63 25.34 0.75
N ALA A 160 -7.83 24.35 -0.11
CA ALA A 160 -9.16 23.93 -0.52
C ALA A 160 -10.03 23.72 0.71
N LYS A 161 -9.40 23.19 1.77
CA LYS A 161 -10.08 22.91 3.03
C LYS A 161 -10.38 24.21 3.76
N PHE A 162 -9.47 25.19 3.63
CA PHE A 162 -9.66 26.48 4.28
C PHE A 162 -10.81 27.27 3.64
N PHE A 163 -11.01 27.10 2.33
CA PHE A 163 -12.07 27.81 1.64
C PHE A 163 -13.34 26.99 1.52
N GLY A 164 -13.23 25.69 1.81
CA GLY A 164 -14.39 24.83 1.71
C GLY A 164 -14.86 24.64 0.28
N VAL A 165 -13.91 24.36 -0.60
CA VAL A 165 -14.18 24.13 -2.02
C VAL A 165 -13.63 22.78 -2.38
N HIS A 166 -14.19 22.16 -3.42
CA HIS A 166 -13.75 20.85 -3.87
C HIS A 166 -12.25 20.88 -4.14
N ILE A 167 -11.58 19.80 -3.74
CA ILE A 167 -10.14 19.68 -3.92
C ILE A 167 -9.72 20.09 -5.34
N ASP A 168 -10.48 19.69 -6.35
CA ASP A 168 -10.16 20.01 -7.74
C ASP A 168 -10.18 21.49 -8.12
N GLU A 169 -10.93 22.29 -7.38
CA GLU A 169 -11.04 23.71 -7.66
C GLU A 169 -9.78 24.51 -7.29
N VAL A 170 -8.80 23.85 -6.68
CA VAL A 170 -7.56 24.54 -6.29
C VAL A 170 -6.34 24.00 -7.03
N ARG A 171 -5.43 24.92 -7.33
CA ARG A 171 -4.20 24.59 -8.00
C ARG A 171 -3.22 25.61 -7.48
N THR A 172 -2.21 25.11 -6.77
CA THR A 172 -1.18 25.94 -6.17
C THR A 172 0.10 25.13 -6.24
N ARG A 173 1.20 25.68 -5.73
CA ARG A 173 2.44 24.92 -5.75
C ARG A 173 3.53 25.58 -4.92
N ILE A 174 4.51 24.75 -4.56
CA ILE A 174 5.64 25.19 -3.78
C ILE A 174 6.86 24.92 -4.64
N ILE A 175 7.66 25.97 -4.90
CA ILE A 175 8.86 25.82 -5.70
C ILE A 175 10.05 25.93 -4.76
N GLY A 176 11.21 25.50 -5.23
CA GLY A 176 12.40 25.58 -4.41
C GLY A 176 12.80 24.26 -3.79
N GLU A 177 13.61 24.36 -2.75
CA GLU A 177 14.10 23.18 -2.06
C GLU A 177 12.95 22.40 -1.43
N HIS A 178 13.05 21.07 -1.45
CA HIS A 178 12.07 20.24 -0.79
C HIS A 178 12.60 20.20 0.65
N GLY A 179 12.54 21.36 1.30
CA GLY A 179 13.03 21.50 2.64
C GLY A 179 12.59 22.81 3.27
N ASP A 180 13.29 23.22 4.32
CA ASP A 180 12.95 24.44 5.03
C ASP A 180 12.87 25.67 4.16
N SER A 181 13.68 25.72 3.09
CA SER A 181 13.67 26.89 2.21
C SER A 181 12.67 26.85 1.04
N MET A 182 11.71 25.93 1.09
CA MET A 182 10.69 25.80 0.05
C MET A 182 9.89 27.10 -0.07
N VAL A 183 9.53 27.49 -1.29
CA VAL A 183 8.78 28.72 -1.52
C VAL A 183 7.36 28.51 -2.07
N PRO A 184 6.33 28.92 -1.31
CA PRO A 184 4.97 28.75 -1.81
C PRO A 184 4.61 29.91 -2.73
N LEU A 185 4.03 29.61 -3.89
CA LEU A 185 3.67 30.65 -4.83
C LEU A 185 2.17 30.93 -4.85
N LEU A 186 1.76 31.95 -4.11
CA LEU A 186 0.36 32.32 -4.09
C LEU A 186 0.04 33.18 -5.31
N SER A 187 1.07 33.45 -6.10
CA SER A 187 0.90 34.25 -7.31
C SER A 187 0.47 33.32 -8.44
N ALA A 188 0.66 32.01 -8.23
CA ALA A 188 0.27 31.00 -9.20
C ALA A 188 -0.72 30.05 -8.54
N THR A 189 -1.57 30.63 -7.69
CA THR A 189 -2.58 29.86 -6.98
C THR A 189 -3.99 30.37 -7.30
N SER A 190 -4.77 29.52 -7.95
CA SER A 190 -6.13 29.88 -8.31
C SER A 190 -7.16 29.01 -7.61
N ILE A 191 -8.32 29.60 -7.33
CA ILE A 191 -9.43 28.93 -6.67
C ILE A 191 -10.51 28.97 -7.75
N GLY A 192 -10.76 27.84 -8.41
CA GLY A 192 -11.76 27.83 -9.45
C GLY A 192 -11.38 28.73 -10.61
N GLY A 193 -10.08 28.91 -10.80
CA GLY A 193 -9.60 29.75 -11.88
C GLY A 193 -9.28 31.15 -11.41
N ILE A 194 -9.98 31.59 -10.36
CA ILE A 194 -9.79 32.93 -9.82
C ILE A 194 -8.59 33.04 -8.92
N PRO A 195 -7.69 33.99 -9.21
CA PRO A 195 -6.49 34.21 -8.42
C PRO A 195 -6.92 34.25 -6.97
N ILE A 196 -6.26 33.46 -6.11
CA ILE A 196 -6.62 33.41 -4.71
C ILE A 196 -6.70 34.79 -4.08
N GLN A 197 -5.88 35.71 -4.59
CA GLN A 197 -5.87 37.08 -4.09
C GLN A 197 -7.20 37.83 -4.24
N LYS A 198 -8.06 37.37 -5.16
CA LYS A 198 -9.34 38.03 -5.38
C LYS A 198 -10.44 37.58 -4.43
N PHE A 199 -10.04 36.91 -3.35
CA PHE A 199 -11.00 36.45 -2.36
C PHE A 199 -10.68 37.10 -1.02
N GLU A 200 -11.72 37.58 -0.35
CA GLU A 200 -11.56 38.23 0.95
C GLU A 200 -10.97 37.26 1.97
N ARG A 201 -11.55 36.07 2.04
CA ARG A 201 -11.13 35.05 2.98
C ARG A 201 -9.65 34.75 2.93
N PHE A 202 -9.03 35.05 1.78
CA PHE A 202 -7.61 34.82 1.57
C PHE A 202 -6.81 35.53 2.66
N LYS A 203 -7.16 36.79 2.89
CA LYS A 203 -6.52 37.62 3.89
C LYS A 203 -6.37 36.91 5.24
N GLU A 204 -7.16 35.85 5.44
CA GLU A 204 -7.14 35.09 6.69
C GLU A 204 -6.54 33.70 6.54
N LEU A 205 -5.89 33.45 5.41
CA LEU A 205 -5.28 32.14 5.18
C LEU A 205 -4.00 32.02 6.01
N PRO A 206 -3.98 31.10 7.00
CA PRO A 206 -2.84 30.85 7.90
C PRO A 206 -1.62 30.35 7.13
N ILE A 207 -1.26 31.07 6.08
CA ILE A 207 -0.14 30.68 5.24
C ILE A 207 1.14 30.24 5.98
N ASP A 208 1.49 30.92 7.07
CA ASP A 208 2.69 30.56 7.82
C ASP A 208 2.55 29.25 8.63
N GLU A 209 1.42 29.07 9.33
CA GLU A 209 1.18 27.87 10.11
C GLU A 209 1.13 26.67 9.17
N ILE A 210 0.47 26.90 8.03
CA ILE A 210 0.31 25.88 7.01
C ILE A 210 1.66 25.41 6.43
N ILE A 211 2.47 26.36 5.96
CA ILE A 211 3.76 26.02 5.38
C ILE A 211 4.61 25.30 6.41
N GLU A 212 4.47 25.68 7.66
CA GLU A 212 5.24 25.05 8.73
C GLU A 212 5.01 23.54 8.74
N ASP A 213 3.74 23.13 8.74
CA ASP A 213 3.41 21.72 8.75
C ASP A 213 3.91 21.01 7.50
N VAL A 214 3.62 21.59 6.33
CA VAL A 214 4.07 21.02 5.07
C VAL A 214 5.57 20.76 5.17
N LYS A 215 6.29 21.85 5.39
CA LYS A 215 7.74 21.86 5.52
C LYS A 215 8.27 20.74 6.44
N THR A 216 7.66 20.62 7.61
CA THR A 216 8.10 19.63 8.56
C THR A 216 7.38 18.29 8.58
N LYS A 217 6.84 17.88 7.45
CA LYS A 217 6.16 16.58 7.41
C LYS A 217 7.19 15.46 7.49
N GLY A 218 8.39 15.80 7.95
CA GLY A 218 9.42 14.81 8.13
C GLY A 218 9.10 14.22 9.50
N GLU A 219 7.86 14.44 9.92
CA GLU A 219 7.37 13.96 11.18
C GLU A 219 6.88 12.52 11.04
N GLN A 220 6.88 11.99 9.81
CA GLN A 220 6.48 10.61 9.61
C GLN A 220 7.62 9.84 10.24
N ILE A 221 8.83 10.32 9.98
CA ILE A 221 10.04 9.72 10.50
C ILE A 221 9.94 9.65 12.02
N ILE A 222 9.94 10.82 12.66
CA ILE A 222 9.84 10.86 14.11
C ILE A 222 8.59 10.17 14.65
N ARG A 223 7.42 10.47 14.10
CA ARG A 223 6.19 9.84 14.59
C ARG A 223 6.22 8.35 14.31
N LEU A 224 6.72 7.61 15.30
CA LEU A 224 6.87 6.16 15.25
C LEU A 224 6.65 5.52 13.87
N LYS A 225 7.40 5.99 12.88
CA LYS A 225 7.32 5.45 11.54
C LYS A 225 8.71 5.53 10.94
N GLY A 226 8.99 4.63 10.00
CA GLY A 226 10.29 4.64 9.38
C GLY A 226 10.60 6.00 8.77
N GLY A 227 9.63 6.57 8.06
CA GLY A 227 9.86 7.86 7.46
C GLY A 227 8.86 8.27 6.40
N SER A 228 8.18 7.29 5.81
CA SER A 228 7.18 7.55 4.78
C SER A 228 6.89 6.27 4.06
N GLU A 229 5.62 6.07 3.75
CA GLU A 229 5.22 4.85 3.10
C GLU A 229 4.47 5.14 1.82
N PHE A 230 3.18 5.33 1.99
CA PHE A 230 2.27 5.53 0.89
C PHE A 230 2.21 6.95 0.35
N GLY A 231 2.37 7.94 1.23
CA GLY A 231 2.34 9.31 0.79
C GLY A 231 3.09 9.44 -0.53
N PRO A 232 4.41 9.20 -0.51
CA PRO A 232 5.31 9.28 -1.66
C PRO A 232 4.87 8.38 -2.83
N ALA A 233 4.76 7.09 -2.57
CA ALA A 233 4.34 6.14 -3.60
C ALA A 233 3.16 6.71 -4.39
N ALA A 234 2.12 7.15 -3.67
CA ALA A 234 0.96 7.73 -4.33
C ALA A 234 1.39 8.84 -5.30
N ALA A 235 2.28 9.75 -4.87
CA ALA A 235 2.75 10.82 -5.74
C ALA A 235 3.52 10.28 -6.94
N ILE A 236 4.52 9.45 -6.66
CA ILE A 236 5.35 8.81 -7.68
C ILE A 236 4.48 8.21 -8.79
N LEU A 237 3.54 7.35 -8.41
CA LEU A 237 2.64 6.71 -9.35
C LEU A 237 2.03 7.73 -10.29
N ASN A 238 1.57 8.85 -9.73
CA ASN A 238 0.97 9.93 -10.49
C ASN A 238 1.91 10.46 -11.54
N VAL A 239 3.14 10.74 -11.10
CA VAL A 239 4.16 11.27 -11.97
C VAL A 239 4.53 10.28 -13.07
N VAL A 240 4.47 8.99 -12.77
CA VAL A 240 4.82 7.99 -13.75
C VAL A 240 3.72 7.89 -14.79
N ARG A 241 2.49 8.00 -14.30
CA ARG A 241 1.31 7.93 -15.13
C ARG A 241 1.34 9.11 -16.07
N CYS A 242 1.91 10.19 -15.57
CA CYS A 242 2.03 11.42 -16.32
C CYS A 242 2.98 11.26 -17.50
N ILE A 243 4.05 10.51 -17.27
CA ILE A 243 5.07 10.24 -18.28
C ILE A 243 4.59 9.26 -19.34
N VAL A 244 4.20 8.07 -18.91
CA VAL A 244 3.73 7.02 -19.80
C VAL A 244 2.58 7.48 -20.68
N ASN A 245 1.74 8.35 -20.14
CA ASN A 245 0.60 8.86 -20.90
C ASN A 245 0.84 10.22 -21.51
N ASN A 246 2.07 10.70 -21.43
CA ASN A 246 2.39 11.96 -22.07
C ASN A 246 1.33 13.00 -21.72
N GLU A 247 0.93 13.04 -20.46
CA GLU A 247 -0.11 13.96 -20.01
C GLU A 247 0.13 15.43 -20.23
N LYS A 248 1.39 15.85 -20.18
CA LYS A 248 1.72 17.25 -20.39
C LYS A 248 1.26 18.13 -19.23
N ARG A 249 1.38 17.62 -18.00
CA ARG A 249 0.99 18.38 -16.81
C ARG A 249 2.05 19.40 -16.39
N LEU A 250 1.61 20.44 -15.71
CA LEU A 250 2.52 21.47 -15.27
C LEU A 250 2.89 21.25 -13.80
N LEU A 251 3.58 20.14 -13.53
CA LEU A 251 3.97 19.80 -12.17
C LEU A 251 5.11 20.64 -11.63
N THR A 252 5.46 20.38 -10.38
CA THR A 252 6.54 21.10 -9.73
C THR A 252 7.47 20.02 -9.22
N LEU A 253 8.44 19.67 -10.05
CA LEU A 253 9.40 18.64 -9.71
C LEU A 253 10.78 19.23 -9.58
N SER A 254 11.69 18.46 -8.99
CA SER A 254 13.07 18.90 -8.84
C SER A 254 13.73 18.64 -10.19
N ALA A 255 13.98 19.70 -10.94
CA ALA A 255 14.58 19.57 -12.26
C ALA A 255 15.75 20.53 -12.42
N TYR A 256 16.53 20.32 -13.47
CA TYR A 256 17.67 21.19 -13.71
C TYR A 256 17.21 22.49 -14.35
N VAL A 257 17.50 23.59 -13.67
CA VAL A 257 17.15 24.91 -14.15
C VAL A 257 18.44 25.65 -14.53
N ASP A 258 18.33 26.59 -15.44
CA ASP A 258 19.49 27.34 -15.89
C ASP A 258 19.05 28.65 -16.53
N GLY A 259 18.66 29.61 -15.70
CA GLY A 259 18.24 30.90 -16.22
C GLY A 259 16.75 31.08 -16.44
N GLU A 260 15.99 29.98 -16.54
CA GLU A 260 14.56 30.07 -16.73
C GLU A 260 13.99 31.05 -15.73
N PHE A 261 14.59 31.07 -14.54
CA PHE A 261 14.20 32.02 -13.49
C PHE A 261 15.45 32.84 -13.24
N ASP A 262 15.41 34.10 -13.65
CA ASP A 262 16.55 35.00 -13.49
C ASP A 262 17.18 34.96 -12.10
N GLY A 263 18.48 34.66 -12.07
CA GLY A 263 19.17 34.57 -10.79
C GLY A 263 19.32 33.14 -10.32
N ILE A 264 18.77 32.21 -11.09
CA ILE A 264 18.84 30.79 -10.75
C ILE A 264 19.50 30.00 -11.89
N ARG A 265 20.76 29.64 -11.69
CA ARG A 265 21.50 28.88 -12.69
C ARG A 265 22.24 27.69 -12.08
N ASP A 266 22.57 26.73 -12.94
CA ASP A 266 23.31 25.53 -12.56
C ASP A 266 22.90 24.88 -11.23
N VAL A 267 21.65 24.44 -11.14
CA VAL A 267 21.14 23.80 -9.92
C VAL A 267 19.87 23.01 -10.22
N CYS A 268 19.68 21.89 -9.52
CA CYS A 268 18.46 21.11 -9.67
C CYS A 268 17.64 21.59 -8.49
N ILE A 269 16.42 22.02 -8.75
CA ILE A 269 15.58 22.54 -7.68
C ILE A 269 14.12 22.36 -8.05
N GLY A 270 13.24 22.54 -7.06
CA GLY A 270 11.83 22.38 -7.32
C GLY A 270 11.29 23.54 -8.13
N VAL A 271 10.98 23.28 -9.40
CA VAL A 271 10.45 24.31 -10.28
C VAL A 271 9.38 23.73 -11.17
N PRO A 272 8.48 24.59 -11.68
CA PRO A 272 7.40 24.14 -12.56
C PRO A 272 7.93 23.69 -13.90
N VAL A 273 7.47 22.52 -14.35
CA VAL A 273 7.90 21.95 -15.62
C VAL A 273 6.73 21.26 -16.32
N LYS A 274 6.91 21.00 -17.61
CA LYS A 274 5.87 20.33 -18.39
C LYS A 274 6.35 18.91 -18.59
N ILE A 275 5.72 17.96 -17.89
CA ILE A 275 6.11 16.56 -17.98
C ILE A 275 5.31 15.80 -19.03
N GLY A 276 6.02 15.02 -19.84
CA GLY A 276 5.37 14.24 -20.86
C GLY A 276 6.15 12.96 -21.08
N ARG A 277 5.93 12.34 -22.22
CA ARG A 277 6.61 11.11 -22.55
C ARG A 277 8.13 11.28 -22.66
N ASP A 278 8.62 12.53 -22.68
CA ASP A 278 10.06 12.78 -22.79
C ASP A 278 10.64 13.42 -21.54
N GLY A 279 10.00 13.18 -20.39
CA GLY A 279 10.49 13.74 -19.14
C GLY A 279 10.19 15.23 -18.98
N ILE A 280 11.17 15.98 -18.49
CA ILE A 280 11.01 17.41 -18.27
C ILE A 280 11.15 18.14 -19.60
N GLU A 281 10.06 18.15 -20.36
CA GLU A 281 10.01 18.77 -21.68
C GLU A 281 10.05 20.29 -21.71
N GLU A 282 10.13 20.90 -20.53
CA GLU A 282 10.17 22.37 -20.47
C GLU A 282 10.19 22.84 -19.02
N VAL A 283 11.01 23.85 -18.72
CA VAL A 283 11.05 24.39 -17.38
C VAL A 283 10.31 25.72 -17.43
N VAL A 284 8.99 25.64 -17.29
CA VAL A 284 8.10 26.79 -17.35
C VAL A 284 8.59 28.00 -16.57
N SER A 285 8.86 29.09 -17.29
CA SER A 285 9.36 30.28 -16.63
C SER A 285 8.29 31.38 -16.56
N ILE A 286 7.71 31.56 -15.38
CA ILE A 286 6.70 32.60 -15.21
C ILE A 286 7.22 33.64 -14.24
N GLU A 287 6.80 34.87 -14.44
CA GLU A 287 7.24 35.94 -13.56
C GLU A 287 6.64 35.73 -12.18
N LEU A 288 7.50 35.65 -11.16
CA LEU A 288 7.03 35.49 -9.79
C LEU A 288 6.80 36.87 -9.22
N ASP A 289 6.64 36.96 -7.91
CA ASP A 289 6.46 38.27 -7.31
C ASP A 289 7.81 38.70 -6.77
N LYS A 290 7.89 39.93 -6.30
CA LYS A 290 9.15 40.44 -5.77
C LYS A 290 9.78 39.46 -4.76
N ASP A 291 9.09 39.19 -3.66
CA ASP A 291 9.64 38.29 -2.66
C ASP A 291 9.69 36.79 -3.01
N GLU A 292 8.80 36.35 -3.88
CA GLU A 292 8.82 34.93 -4.25
C GLU A 292 10.15 34.62 -4.94
N ILE A 293 10.59 35.52 -5.81
CA ILE A 293 11.82 35.29 -6.53
C ILE A 293 13.04 35.54 -5.66
N ILE A 294 12.88 36.39 -4.64
CA ILE A 294 13.96 36.67 -3.71
C ILE A 294 14.14 35.40 -2.87
N ALA A 295 13.03 34.87 -2.39
CA ALA A 295 13.03 33.66 -1.58
C ALA A 295 13.42 32.44 -2.43
N PHE A 296 13.06 32.47 -3.70
CA PHE A 296 13.39 31.36 -4.58
C PHE A 296 14.88 31.42 -4.86
N ARG A 297 15.45 32.61 -4.71
CA ARG A 297 16.89 32.80 -4.94
C ARG A 297 17.67 32.16 -3.80
N LYS A 298 17.26 32.48 -2.57
CA LYS A 298 17.92 31.93 -1.39
C LYS A 298 17.83 30.42 -1.33
N SER A 299 16.70 29.86 -1.75
CA SER A 299 16.53 28.42 -1.70
C SER A 299 17.57 27.77 -2.61
N ALA A 300 17.64 28.21 -3.86
CA ALA A 300 18.60 27.65 -4.81
C ALA A 300 20.03 27.81 -4.29
N GLU A 301 20.29 28.93 -3.63
CA GLU A 301 21.62 29.17 -3.09
C GLU A 301 21.95 28.02 -2.13
N ILE A 302 21.06 27.79 -1.18
CA ILE A 302 21.26 26.72 -0.22
C ILE A 302 21.59 25.42 -0.94
N ILE A 303 20.68 24.97 -1.79
CA ILE A 303 20.84 23.73 -2.55
C ILE A 303 22.15 23.64 -3.32
N LYS A 304 22.50 24.72 -4.01
CA LYS A 304 23.74 24.74 -4.80
C LYS A 304 24.94 24.38 -3.94
N LYS A 305 25.00 24.98 -2.75
CA LYS A 305 26.09 24.73 -1.84
C LYS A 305 26.35 23.23 -1.74
N TYR A 306 25.30 22.47 -1.42
CA TYR A 306 25.41 21.01 -1.30
C TYR A 306 25.82 20.38 -2.62
N CYS A 307 25.25 20.87 -3.71
CA CYS A 307 25.57 20.31 -5.02
C CYS A 307 27.07 20.31 -5.29
N GLU A 308 27.76 21.33 -4.81
CA GLU A 308 29.22 21.42 -5.01
C GLU A 308 29.91 20.30 -4.24
N GLU A 309 29.63 20.25 -2.94
CA GLU A 309 30.21 19.23 -2.07
C GLU A 309 29.99 17.82 -2.61
N VAL A 310 29.00 17.67 -3.48
CA VAL A 310 28.66 16.36 -4.02
C VAL A 310 29.07 16.11 -5.45
N LYS A 311 29.15 17.18 -6.24
CA LYS A 311 29.48 17.09 -7.66
C LYS A 311 30.54 16.06 -8.05
N ASN A 312 31.53 15.86 -7.18
CA ASN A 312 32.58 14.89 -7.49
C ASN A 312 32.79 13.82 -6.44
N LEU A 313 31.80 12.97 -6.23
CA LEU A 313 31.94 11.90 -5.26
C LEU A 313 31.75 10.59 -6.00
N MET B 1 -19.57 5.09 6.26
CA MET B 1 -19.31 3.84 7.02
C MET B 1 -18.20 4.05 8.03
N LYS B 2 -18.28 3.32 9.15
CA LYS B 2 -17.26 3.42 10.19
C LYS B 2 -16.59 2.08 10.42
N VAL B 3 -15.33 1.98 10.02
CA VAL B 3 -14.58 0.76 10.23
C VAL B 3 -13.51 1.03 11.28
N THR B 4 -13.19 0.00 12.06
CA THR B 4 -12.17 0.13 13.05
C THR B 4 -11.21 -1.00 12.78
N ILE B 5 -9.93 -0.71 12.88
CA ILE B 5 -8.92 -1.73 12.66
C ILE B 5 -8.17 -1.86 13.96
N ILE B 6 -8.06 -3.08 14.45
CA ILE B 6 -7.35 -3.34 15.67
C ILE B 6 -6.02 -3.94 15.28
N GLY B 7 -5.00 -3.09 15.30
CA GLY B 7 -3.69 -3.55 14.91
C GLY B 7 -3.24 -2.82 13.68
N ALA B 8 -3.81 -1.63 13.51
CA ALA B 8 -3.53 -0.78 12.37
C ALA B 8 -2.05 -0.48 12.22
N SER B 9 -1.26 -0.85 13.21
CA SER B 9 0.18 -0.60 13.15
C SER B 9 0.97 -1.68 12.41
N GLY B 10 0.43 -2.90 12.38
CA GLY B 10 1.11 -3.99 11.69
C GLY B 10 1.14 -3.79 10.19
N ARG B 11 1.87 -4.64 9.47
CA ARG B 11 1.95 -4.54 8.02
C ARG B 11 0.55 -4.53 7.42
N VAL B 12 -0.20 -5.61 7.60
CA VAL B 12 -1.54 -5.71 7.08
C VAL B 12 -2.45 -4.59 7.62
N GLY B 13 -2.38 -4.34 8.92
CA GLY B 13 -3.20 -3.29 9.48
C GLY B 13 -3.00 -1.97 8.75
N SER B 14 -1.74 -1.62 8.49
CA SER B 14 -1.36 -0.38 7.80
C SER B 14 -1.88 -0.35 6.38
N ALA B 15 -1.54 -1.40 5.61
CA ALA B 15 -1.92 -1.53 4.22
C ALA B 15 -3.42 -1.44 4.09
N THR B 16 -4.13 -2.10 5.01
CA THR B 16 -5.57 -2.12 5.00
C THR B 16 -6.19 -0.74 5.24
N ALA B 17 -5.65 0.01 6.21
CA ALA B 17 -6.20 1.31 6.50
C ALA B 17 -6.00 2.21 5.28
N LEU B 18 -4.85 2.04 4.62
CA LEU B 18 -4.52 2.83 3.44
C LEU B 18 -5.64 2.65 2.42
N LEU B 19 -5.84 1.41 2.00
CA LEU B 19 -6.88 1.09 1.04
C LEU B 19 -8.27 1.53 1.49
N LEU B 20 -8.58 1.35 2.76
CA LEU B 20 -9.91 1.73 3.23
C LEU B 20 -10.15 3.23 3.24
N ALA B 21 -9.10 4.02 3.47
CA ALA B 21 -9.24 5.48 3.49
C ALA B 21 -9.56 6.04 2.11
N LYS B 22 -9.15 5.31 1.08
CA LYS B 22 -9.42 5.76 -0.29
C LYS B 22 -10.86 5.49 -0.72
N GLU B 23 -11.52 4.55 -0.05
CA GLU B 23 -12.89 4.20 -0.39
C GLU B 23 -13.87 5.34 -0.19
N PRO B 24 -14.78 5.54 -1.17
CA PRO B 24 -15.77 6.61 -1.12
C PRO B 24 -16.72 6.45 0.04
N PHE B 25 -16.93 5.19 0.44
CA PHE B 25 -17.84 4.88 1.53
C PHE B 25 -17.26 5.02 2.93
N MET B 26 -15.94 5.21 3.03
CA MET B 26 -15.28 5.34 4.33
C MET B 26 -15.44 6.73 4.93
N LYS B 27 -16.21 6.82 6.01
CA LYS B 27 -16.44 8.11 6.64
C LYS B 27 -15.58 8.32 7.87
N ASP B 28 -15.46 7.29 8.72
CA ASP B 28 -14.66 7.35 9.94
C ASP B 28 -13.84 6.08 10.06
N LEU B 29 -12.53 6.20 9.91
CA LEU B 29 -11.62 5.07 10.03
C LEU B 29 -10.90 5.15 11.35
N VAL B 30 -11.20 4.21 12.25
CA VAL B 30 -10.60 4.20 13.58
C VAL B 30 -9.42 3.24 13.65
N LEU B 31 -8.25 3.78 13.92
CA LEU B 31 -7.06 2.97 14.02
C LEU B 31 -6.74 2.83 15.50
N ILE B 32 -6.88 1.60 15.99
CA ILE B 32 -6.65 1.27 17.40
C ILE B 32 -5.42 0.42 17.61
N GLY B 33 -4.72 0.73 18.70
CA GLY B 33 -3.51 0.00 19.05
C GLY B 33 -3.13 0.22 20.50
N ARG B 34 -2.16 -0.53 21.00
CA ARG B 34 -1.70 -0.39 22.37
C ARG B 34 -1.00 0.94 22.60
N GLU B 35 -1.08 1.40 23.85
CA GLU B 35 -0.48 2.66 24.27
C GLU B 35 0.88 3.01 23.72
N HIS B 36 1.78 2.03 23.59
CA HIS B 36 3.14 2.30 23.08
C HIS B 36 3.28 2.42 21.57
N SER B 37 2.27 1.97 20.84
CA SER B 37 2.34 2.06 19.39
C SER B 37 1.31 3.08 18.88
N ILE B 38 1.09 4.12 19.67
CA ILE B 38 0.15 5.15 19.28
C ILE B 38 0.81 6.17 18.37
N ASN B 39 2.13 6.32 18.51
CA ASN B 39 2.84 7.26 17.65
C ASN B 39 3.00 6.69 16.26
N LYS B 40 3.03 5.36 16.18
CA LYS B 40 3.17 4.71 14.89
C LYS B 40 1.86 4.89 14.11
N LEU B 41 0.74 4.99 14.81
CA LEU B 41 -0.55 5.16 14.17
C LEU B 41 -0.72 6.59 13.71
N GLU B 42 -0.43 7.54 14.57
CA GLU B 42 -0.57 8.93 14.20
C GLU B 42 0.39 9.15 13.04
N GLY B 43 1.47 8.38 13.03
CA GLY B 43 2.45 8.48 11.98
C GLY B 43 1.85 7.92 10.70
N LEU B 44 0.99 6.91 10.88
CA LEU B 44 0.30 6.27 9.77
C LEU B 44 -0.78 7.22 9.24
N ARG B 45 -1.53 7.81 10.16
CA ARG B 45 -2.58 8.72 9.76
C ARG B 45 -2.02 9.82 8.87
N GLU B 46 -0.91 10.43 9.28
CA GLU B 46 -0.32 11.49 8.49
C GLU B 46 0.13 10.96 7.13
N ASP B 47 0.69 9.75 7.13
CA ASP B 47 1.17 9.15 5.88
C ASP B 47 0.01 8.89 4.91
N ILE B 48 -1.03 8.22 5.39
CA ILE B 48 -2.19 7.95 4.55
C ILE B 48 -2.69 9.27 3.93
N TYR B 49 -2.87 10.29 4.77
CA TYR B 49 -3.36 11.59 4.32
C TYR B 49 -2.56 12.11 3.13
N ASP B 50 -1.26 11.82 3.10
CA ASP B 50 -0.41 12.24 2.00
C ASP B 50 -0.77 11.48 0.73
N ALA B 51 -1.02 10.19 0.88
CA ALA B 51 -1.37 9.36 -0.27
C ALA B 51 -2.71 9.79 -0.83
N LEU B 52 -3.50 10.50 -0.02
CA LEU B 52 -4.82 10.98 -0.44
C LEU B 52 -4.76 12.39 -0.99
N ALA B 53 -3.63 13.06 -0.81
CA ALA B 53 -3.49 14.43 -1.26
C ALA B 53 -3.79 14.62 -2.74
N GLY B 54 -4.91 15.28 -3.04
CA GLY B 54 -5.26 15.53 -4.45
C GLY B 54 -6.56 14.86 -4.88
N THR B 55 -6.92 13.80 -4.17
CA THR B 55 -8.14 13.06 -4.45
C THR B 55 -9.18 13.41 -3.40
N ARG B 56 -10.46 13.37 -3.80
CA ARG B 56 -11.55 13.67 -2.87
C ARG B 56 -11.59 12.58 -1.82
N SER B 57 -11.87 12.98 -0.58
CA SER B 57 -11.95 12.04 0.54
C SER B 57 -12.45 12.77 1.77
N ASP B 58 -13.39 12.14 2.47
CA ASP B 58 -13.93 12.72 3.69
C ASP B 58 -13.57 11.76 4.83
N ALA B 59 -12.58 10.91 4.58
CA ALA B 59 -12.14 9.94 5.56
C ALA B 59 -11.52 10.55 6.82
N ASN B 60 -12.25 10.47 7.92
CA ASN B 60 -11.75 10.98 9.19
C ASN B 60 -11.00 9.83 9.80
N ILE B 61 -9.71 10.01 10.04
CA ILE B 61 -8.91 8.96 10.64
C ILE B 61 -8.78 9.31 12.13
N TYR B 62 -8.93 8.30 12.99
CA TYR B 62 -8.81 8.51 14.43
C TYR B 62 -7.84 7.47 14.98
N VAL B 63 -7.09 7.87 16.00
CA VAL B 63 -6.12 6.99 16.64
C VAL B 63 -6.41 6.92 18.13
N GLU B 64 -6.35 5.71 18.70
CA GLU B 64 -6.61 5.51 20.13
C GLU B 64 -5.93 4.25 20.63
N SER B 65 -5.71 4.19 21.94
CA SER B 65 -5.08 3.03 22.56
C SER B 65 -6.20 2.02 22.80
N ASP B 66 -5.83 0.76 23.00
CA ASP B 66 -6.81 -0.31 23.22
C ASP B 66 -7.21 -0.38 24.69
N GLU B 67 -7.59 0.77 25.24
CA GLU B 67 -7.98 0.83 26.63
C GLU B 67 -9.44 1.21 26.72
N ASN B 68 -9.81 2.24 25.96
CA ASN B 68 -11.18 2.72 25.95
C ASN B 68 -11.76 2.67 24.55
N LEU B 69 -12.17 1.49 24.12
CA LEU B 69 -12.72 1.34 22.78
C LEU B 69 -14.04 2.09 22.58
N ARG B 70 -14.36 2.97 23.52
CA ARG B 70 -15.58 3.77 23.46
C ARG B 70 -15.80 4.34 22.04
N ILE B 71 -14.73 4.88 21.46
CA ILE B 71 -14.77 5.48 20.12
C ILE B 71 -15.12 4.48 19.04
N ILE B 72 -14.90 3.20 19.30
CA ILE B 72 -15.18 2.20 18.29
C ILE B 72 -16.66 1.81 18.19
N ASP B 73 -17.51 2.51 18.94
CA ASP B 73 -18.93 2.19 18.87
C ASP B 73 -19.51 2.65 17.53
N GLU B 74 -20.58 1.96 17.11
CA GLU B 74 -21.26 2.24 15.86
C GLU B 74 -20.45 1.88 14.61
N SER B 75 -19.35 1.16 14.81
CA SER B 75 -18.53 0.74 13.71
C SER B 75 -19.34 -0.31 12.95
N ASP B 76 -19.33 -0.25 11.63
CA ASP B 76 -20.06 -1.22 10.81
C ASP B 76 -19.35 -2.56 10.90
N VAL B 77 -18.04 -2.50 11.08
CA VAL B 77 -17.22 -3.69 11.22
C VAL B 77 -15.90 -3.33 11.87
N VAL B 78 -15.37 -4.29 12.63
CA VAL B 78 -14.12 -4.10 13.32
C VAL B 78 -13.18 -5.19 12.88
N ILE B 79 -12.08 -4.80 12.27
CA ILE B 79 -11.11 -5.75 11.78
C ILE B 79 -10.07 -5.98 12.87
N ILE B 80 -9.53 -7.19 12.93
CA ILE B 80 -8.53 -7.53 13.94
C ILE B 80 -7.30 -8.16 13.31
N THR B 81 -6.21 -7.42 13.31
CA THR B 81 -4.95 -7.88 12.76
C THR B 81 -3.96 -8.10 13.88
N SER B 82 -4.36 -7.74 15.10
CA SER B 82 -3.49 -7.91 16.27
C SER B 82 -3.07 -9.36 16.41
N GLY B 83 -1.85 -9.58 16.88
CA GLY B 83 -1.37 -10.93 17.05
C GLY B 83 0.13 -11.06 17.08
N VAL B 84 0.61 -12.14 17.72
CA VAL B 84 2.04 -12.38 17.82
C VAL B 84 2.56 -12.90 16.48
N PRO B 85 3.64 -12.27 15.99
CA PRO B 85 4.26 -12.64 14.71
C PRO B 85 4.83 -14.04 14.70
N ARG B 86 4.14 -14.97 15.35
CA ARG B 86 4.62 -16.35 15.44
C ARG B 86 6.03 -16.30 15.99
N LYS B 87 6.77 -17.41 15.86
CA LYS B 87 8.14 -17.43 16.39
C LYS B 87 8.73 -18.82 16.22
N GLU B 88 10.05 -18.90 16.17
CA GLU B 88 10.73 -20.17 15.99
C GLU B 88 10.28 -21.28 16.93
N GLY B 89 10.50 -21.08 18.23
CA GLY B 89 10.09 -22.08 19.20
C GLY B 89 8.60 -22.33 19.25
N MET B 90 7.82 -21.33 18.83
CA MET B 90 6.36 -21.42 18.83
C MET B 90 5.86 -22.60 17.99
N SER B 91 4.89 -23.33 18.53
CA SER B 91 4.27 -24.47 17.85
C SER B 91 2.84 -24.08 17.45
N ARG B 92 2.22 -24.83 16.54
CA ARG B 92 0.87 -24.49 16.13
C ARG B 92 -0.03 -24.26 17.34
N MET B 93 -0.02 -25.22 18.26
CA MET B 93 -0.84 -25.10 19.46
C MET B 93 -0.36 -23.90 20.27
N ASP B 94 0.96 -23.73 20.35
CA ASP B 94 1.53 -22.62 21.07
C ASP B 94 1.06 -21.30 20.45
N LEU B 95 1.07 -21.22 19.12
CA LEU B 95 0.64 -20.01 18.42
C LEU B 95 -0.86 -19.80 18.57
N ALA B 96 -1.63 -20.89 18.44
CA ALA B 96 -3.09 -20.81 18.57
C ALA B 96 -3.43 -20.18 19.91
N LYS B 97 -3.00 -20.83 20.98
CA LYS B 97 -3.25 -20.37 22.33
C LYS B 97 -2.93 -18.89 22.59
N THR B 98 -1.78 -18.42 22.09
CA THR B 98 -1.35 -17.03 22.31
C THR B 98 -2.22 -15.95 21.67
N ASN B 99 -2.43 -16.04 20.36
CA ASN B 99 -3.24 -15.05 19.69
C ASN B 99 -4.68 -15.13 20.18
N ALA B 100 -5.03 -16.31 20.67
CA ALA B 100 -6.38 -16.56 21.19
C ALA B 100 -6.69 -15.55 22.28
N LYS B 101 -5.75 -15.37 23.19
CA LYS B 101 -5.92 -14.44 24.28
C LYS B 101 -5.97 -13.02 23.75
N ILE B 102 -5.22 -12.75 22.69
CA ILE B 102 -5.20 -11.42 22.10
C ILE B 102 -6.51 -11.12 21.39
N VAL B 103 -6.94 -12.03 20.52
CA VAL B 103 -8.21 -11.83 19.79
C VAL B 103 -9.38 -11.83 20.77
N GLY B 104 -9.39 -12.83 21.66
CA GLY B 104 -10.44 -12.91 22.64
C GLY B 104 -10.47 -11.62 23.46
N LYS B 105 -9.31 -11.17 23.89
CA LYS B 105 -9.24 -9.94 24.68
C LYS B 105 -10.05 -8.88 23.97
N TYR B 106 -9.68 -8.59 22.73
CA TYR B 106 -10.35 -7.56 21.95
C TYR B 106 -11.82 -7.88 21.69
N ALA B 107 -12.10 -9.15 21.39
CA ALA B 107 -13.46 -9.59 21.13
C ALA B 107 -14.35 -9.12 22.30
N LYS B 108 -13.96 -9.52 23.51
CA LYS B 108 -14.70 -9.17 24.70
C LYS B 108 -14.81 -7.65 24.89
N LYS B 109 -13.68 -6.96 24.76
CA LYS B 109 -13.66 -5.51 24.95
C LYS B 109 -14.58 -4.84 23.95
N ILE B 110 -14.58 -5.34 22.71
CA ILE B 110 -15.44 -4.78 21.67
C ILE B 110 -16.91 -5.02 22.04
N ALA B 111 -17.24 -6.27 22.31
CA ALA B 111 -18.59 -6.69 22.67
C ALA B 111 -19.27 -5.79 23.72
N GLU B 112 -18.48 -5.33 24.69
CA GLU B 112 -18.99 -4.49 25.75
C GLU B 112 -19.57 -3.19 25.23
N ILE B 113 -18.83 -2.58 24.30
CA ILE B 113 -19.20 -1.32 23.70
C ILE B 113 -20.46 -1.39 22.85
N CYS B 114 -20.58 -2.46 22.06
CA CYS B 114 -21.73 -2.61 21.17
C CYS B 114 -21.72 -3.95 20.44
N ASP B 115 -22.65 -4.10 19.50
CA ASP B 115 -22.77 -5.30 18.67
C ASP B 115 -22.39 -4.90 17.26
N THR B 116 -21.25 -5.38 16.79
CA THR B 116 -20.78 -5.06 15.46
C THR B 116 -20.28 -6.31 14.77
N LYS B 117 -19.84 -6.16 13.52
CA LYS B 117 -19.30 -7.30 12.78
C LYS B 117 -17.82 -7.38 13.17
N ILE B 118 -17.35 -8.56 13.54
CA ILE B 118 -15.94 -8.70 13.86
C ILE B 118 -15.30 -9.52 12.75
N PHE B 119 -14.42 -8.87 11.98
CA PHE B 119 -13.72 -9.48 10.85
C PHE B 119 -12.33 -9.83 11.39
N VAL B 120 -12.13 -11.11 11.66
CA VAL B 120 -10.88 -11.61 12.22
C VAL B 120 -9.85 -12.02 11.17
N ILE B 121 -8.72 -11.32 11.15
CA ILE B 121 -7.66 -11.63 10.20
C ILE B 121 -6.53 -12.45 10.82
N THR B 122 -6.17 -12.13 12.06
CA THR B 122 -5.09 -12.83 12.74
C THR B 122 -5.22 -14.35 12.80
N ASN B 123 -4.09 -15.04 12.71
CA ASN B 123 -4.04 -16.51 12.71
C ASN B 123 -3.85 -17.20 14.06
N PRO B 124 -4.29 -18.46 14.17
CA PRO B 124 -4.94 -19.22 13.10
C PRO B 124 -6.31 -18.62 12.82
N VAL B 125 -6.49 -18.06 11.64
CA VAL B 125 -7.73 -17.41 11.27
C VAL B 125 -9.04 -18.13 11.65
N ASP B 126 -9.12 -19.43 11.40
CA ASP B 126 -10.32 -20.19 11.74
C ASP B 126 -10.47 -20.25 13.27
N VAL B 127 -9.46 -20.79 13.92
CA VAL B 127 -9.44 -20.92 15.36
C VAL B 127 -9.58 -19.55 16.05
N MET B 128 -9.14 -18.50 15.38
CA MET B 128 -9.25 -17.17 15.96
C MET B 128 -10.63 -16.56 15.72
N THR B 129 -11.27 -16.94 14.62
CA THR B 129 -12.59 -16.43 14.33
C THR B 129 -13.51 -17.14 15.29
N TYR B 130 -13.18 -18.40 15.57
CA TYR B 130 -13.96 -19.18 16.53
C TYR B 130 -13.90 -18.48 17.88
N LYS B 131 -12.69 -18.25 18.37
CA LYS B 131 -12.46 -17.60 19.65
C LYS B 131 -13.20 -16.27 19.76
N ALA B 132 -12.97 -15.37 18.81
CA ALA B 132 -13.63 -14.06 18.80
C ALA B 132 -15.15 -14.25 18.95
N LEU B 133 -15.70 -15.25 18.30
CA LEU B 133 -17.13 -15.52 18.37
C LEU B 133 -17.51 -15.91 19.79
N VAL B 134 -16.75 -16.83 20.36
CA VAL B 134 -16.99 -17.32 21.71
C VAL B 134 -16.86 -16.22 22.78
N ASP B 135 -15.78 -15.44 22.70
CA ASP B 135 -15.59 -14.40 23.68
C ASP B 135 -16.39 -13.15 23.39
N SER B 136 -16.86 -13.00 22.17
CA SER B 136 -17.64 -11.81 21.85
C SER B 136 -19.07 -12.06 22.26
N LYS B 137 -19.46 -13.34 22.23
CA LYS B 137 -20.81 -13.78 22.56
C LYS B 137 -21.79 -13.22 21.54
N PHE B 138 -21.30 -13.00 20.33
CA PHE B 138 -22.13 -12.47 19.24
C PHE B 138 -22.86 -13.58 18.52
N GLU B 139 -23.71 -13.19 17.57
CA GLU B 139 -24.47 -14.13 16.77
C GLU B 139 -23.52 -14.65 15.68
N ARG B 140 -23.68 -15.93 15.31
CA ARG B 140 -22.82 -16.52 14.30
C ARG B 140 -22.72 -15.72 13.00
N ASN B 141 -23.64 -14.79 12.79
CA ASN B 141 -23.65 -14.00 11.58
C ASN B 141 -22.79 -12.75 11.67
N GLN B 142 -22.32 -12.42 12.88
CA GLN B 142 -21.54 -11.22 13.10
C GLN B 142 -20.03 -11.44 13.19
N VAL B 143 -19.61 -12.71 13.24
CA VAL B 143 -18.18 -13.00 13.35
C VAL B 143 -17.69 -13.93 12.25
N PHE B 144 -16.72 -13.45 11.48
CA PHE B 144 -16.17 -14.21 10.38
C PHE B 144 -14.72 -13.83 10.18
N GLY B 145 -13.98 -14.64 9.42
CA GLY B 145 -12.57 -14.34 9.19
C GLY B 145 -12.15 -14.52 7.76
N LEU B 146 -10.96 -14.03 7.44
CA LEU B 146 -10.40 -14.10 6.09
C LEU B 146 -10.38 -15.53 5.56
N GLY B 147 -10.25 -16.50 6.45
CA GLY B 147 -10.22 -17.89 6.08
C GLY B 147 -9.49 -18.23 4.80
N THR B 148 -10.16 -18.99 3.95
CA THR B 148 -9.60 -19.43 2.68
C THR B 148 -9.98 -18.53 1.50
N HIS B 149 -10.37 -17.30 1.80
CA HIS B 149 -10.76 -16.42 0.70
C HIS B 149 -9.59 -16.11 -0.22
N LEU B 150 -8.45 -15.70 0.33
CA LEU B 150 -7.31 -15.39 -0.54
C LEU B 150 -6.75 -16.64 -1.19
N ASP B 151 -6.81 -17.76 -0.48
CA ASP B 151 -6.33 -19.02 -1.05
C ASP B 151 -7.21 -19.35 -2.24
N SER B 152 -8.48 -18.99 -2.16
CA SER B 152 -9.40 -19.22 -3.27
C SER B 152 -9.01 -18.37 -4.48
N LEU B 153 -8.78 -17.08 -4.27
CA LEU B 153 -8.41 -16.22 -5.39
C LEU B 153 -7.12 -16.74 -6.01
N ARG B 154 -6.18 -17.15 -5.14
CA ARG B 154 -4.89 -17.68 -5.52
C ARG B 154 -5.08 -18.90 -6.43
N PHE B 155 -6.06 -19.75 -6.11
CA PHE B 155 -6.35 -20.96 -6.89
C PHE B 155 -6.98 -20.59 -8.25
N LYS B 156 -7.81 -19.55 -8.20
CA LYS B 156 -8.50 -19.00 -9.36
C LYS B 156 -7.50 -18.52 -10.42
N VAL B 157 -6.52 -17.75 -9.98
CA VAL B 157 -5.51 -17.23 -10.89
C VAL B 157 -4.77 -18.37 -11.55
N ALA B 158 -4.23 -19.27 -10.73
CA ALA B 158 -3.48 -20.41 -11.25
C ALA B 158 -4.23 -21.12 -12.36
N ILE B 159 -5.50 -21.40 -12.13
CA ILE B 159 -6.33 -22.08 -13.11
C ILE B 159 -6.54 -21.28 -14.38
N ALA B 160 -7.08 -20.07 -14.24
CA ALA B 160 -7.32 -19.19 -15.37
C ALA B 160 -6.08 -19.08 -16.23
N LYS B 161 -4.92 -19.07 -15.57
CA LYS B 161 -3.63 -18.98 -16.23
C LYS B 161 -3.33 -20.29 -16.94
N PHE B 162 -3.73 -21.41 -16.33
CA PHE B 162 -3.49 -22.71 -16.91
C PHE B 162 -4.32 -22.91 -18.18
N PHE B 163 -5.52 -22.35 -18.21
CA PHE B 163 -6.37 -22.49 -19.39
C PHE B 163 -6.22 -21.35 -20.36
N GLY B 164 -5.57 -20.27 -19.93
CA GLY B 164 -5.41 -19.12 -20.81
C GLY B 164 -6.73 -18.41 -21.09
N VAL B 165 -7.49 -18.18 -20.03
CA VAL B 165 -8.78 -17.49 -20.13
C VAL B 165 -8.73 -16.31 -19.19
N HIS B 166 -9.54 -15.30 -19.48
CA HIS B 166 -9.60 -14.10 -18.66
C HIS B 166 -9.88 -14.47 -17.21
N ILE B 167 -9.19 -13.80 -16.30
CA ILE B 167 -9.35 -14.05 -14.87
C ILE B 167 -10.82 -14.15 -14.46
N ASP B 168 -11.67 -13.29 -15.02
CA ASP B 168 -13.09 -13.29 -14.69
C ASP B 168 -13.86 -14.53 -15.07
N GLU B 169 -13.38 -15.26 -16.08
CA GLU B 169 -14.07 -16.46 -16.55
C GLU B 169 -13.95 -17.64 -15.61
N VAL B 170 -13.20 -17.49 -14.53
CA VAL B 170 -13.03 -18.58 -13.57
C VAL B 170 -13.60 -18.24 -12.18
N ARG B 171 -14.16 -19.26 -11.56
CA ARG B 171 -14.72 -19.13 -10.24
C ARG B 171 -14.51 -20.49 -9.61
N THR B 172 -13.70 -20.52 -8.56
CA THR B 172 -13.38 -21.74 -7.85
C THR B 172 -13.23 -21.35 -6.39
N ARG B 173 -12.90 -22.31 -5.54
CA ARG B 173 -12.71 -21.98 -4.14
C ARG B 173 -12.12 -23.12 -3.34
N ILE B 174 -11.55 -22.75 -2.19
CA ILE B 174 -10.93 -23.68 -1.28
C ILE B 174 -11.68 -23.53 0.04
N ILE B 175 -12.25 -24.63 0.53
CA ILE B 175 -12.99 -24.63 1.78
C ILE B 175 -12.13 -25.34 2.81
N GLY B 176 -12.45 -25.15 4.09
CA GLY B 176 -11.69 -25.80 5.13
C GLY B 176 -10.73 -24.87 5.82
N GLU B 177 -9.75 -25.49 6.48
CA GLU B 177 -8.76 -24.73 7.21
C GLU B 177 -7.90 -23.87 6.30
N HIS B 178 -7.56 -22.67 6.76
CA HIS B 178 -6.68 -21.82 5.99
C HIS B 178 -5.31 -22.34 6.41
N GLY B 179 -5.02 -23.57 5.97
CA GLY B 179 -3.77 -24.21 6.31
C GLY B 179 -3.55 -25.46 5.49
N ASP B 180 -2.67 -26.33 5.96
CA ASP B 180 -2.33 -27.55 5.26
C ASP B 180 -3.52 -28.41 4.90
N SER B 181 -4.57 -28.38 5.73
CA SER B 181 -5.74 -29.21 5.47
C SER B 181 -6.83 -28.58 4.60
N MET B 182 -6.52 -27.46 3.94
CA MET B 182 -7.48 -26.76 3.09
C MET B 182 -7.97 -27.69 1.98
N VAL B 183 -9.25 -27.58 1.61
CA VAL B 183 -9.82 -28.44 0.57
C VAL B 183 -10.27 -27.69 -0.68
N PRO B 184 -9.65 -27.99 -1.85
CA PRO B 184 -10.07 -27.29 -3.07
C PRO B 184 -11.29 -27.99 -3.65
N LEU B 185 -12.30 -27.22 -4.04
CA LEU B 185 -13.51 -27.81 -4.61
C LEU B 185 -13.59 -27.64 -6.12
N LEU B 186 -13.18 -28.66 -6.85
CA LEU B 186 -13.24 -28.60 -8.28
C LEU B 186 -14.65 -28.95 -8.74
N SER B 187 -15.51 -29.28 -7.77
CA SER B 187 -16.90 -29.62 -8.07
C SER B 187 -17.70 -28.32 -8.13
N ALA B 188 -17.11 -27.25 -7.62
CA ALA B 188 -17.75 -25.93 -7.62
C ALA B 188 -16.84 -24.97 -8.36
N THR B 189 -16.18 -25.48 -9.40
CA THR B 189 -15.27 -24.69 -10.21
C THR B 189 -15.72 -24.66 -11.67
N SER B 190 -16.10 -23.48 -12.14
CA SER B 190 -16.52 -23.33 -13.52
C SER B 190 -15.58 -22.43 -14.31
N ILE B 191 -15.48 -22.72 -15.61
CA ILE B 191 -14.66 -21.97 -16.54
C ILE B 191 -15.68 -21.40 -17.53
N GLY B 192 -16.00 -20.12 -17.38
CA GLY B 192 -16.98 -19.52 -18.28
C GLY B 192 -18.36 -20.13 -18.06
N GLY B 193 -18.60 -20.61 -16.85
CA GLY B 193 -19.88 -21.21 -16.53
C GLY B 193 -19.83 -22.72 -16.64
N ILE B 194 -18.95 -23.21 -17.51
CA ILE B 194 -18.83 -24.65 -17.76
C ILE B 194 -18.01 -25.33 -16.70
N PRO B 195 -18.57 -26.40 -16.11
CA PRO B 195 -17.89 -27.16 -15.07
C PRO B 195 -16.49 -27.49 -15.60
N ILE B 196 -15.45 -27.18 -14.82
CA ILE B 196 -14.09 -27.43 -15.25
C ILE B 196 -13.89 -28.85 -15.75
N GLN B 197 -14.67 -29.77 -15.20
CA GLN B 197 -14.57 -31.17 -15.59
C GLN B 197 -14.93 -31.42 -17.05
N LYS B 198 -15.67 -30.51 -17.68
CA LYS B 198 -16.07 -30.69 -19.08
C LYS B 198 -15.02 -30.24 -20.08
N PHE B 199 -13.79 -30.03 -19.60
CA PHE B 199 -12.69 -29.62 -20.47
C PHE B 199 -11.61 -30.66 -20.42
N GLU B 200 -11.11 -31.01 -21.60
CA GLU B 200 -10.06 -32.02 -21.73
C GLU B 200 -8.80 -31.58 -20.98
N ARG B 201 -8.37 -30.35 -21.22
CA ARG B 201 -7.17 -29.79 -20.60
C ARG B 201 -7.16 -29.93 -19.08
N PHE B 202 -8.34 -30.05 -18.50
CA PHE B 202 -8.49 -30.19 -17.06
C PHE B 202 -7.66 -31.38 -16.57
N LYS B 203 -7.80 -32.49 -17.27
CA LYS B 203 -7.09 -33.72 -16.96
C LYS B 203 -5.60 -33.48 -16.73
N GLU B 204 -5.11 -32.34 -17.20
CA GLU B 204 -3.69 -32.00 -17.06
C GLU B 204 -3.43 -30.86 -16.10
N LEU B 205 -4.44 -30.48 -15.33
CA LEU B 205 -4.28 -29.41 -14.36
C LEU B 205 -3.46 -29.90 -13.16
N PRO B 206 -2.25 -29.33 -12.96
CA PRO B 206 -1.32 -29.68 -11.87
C PRO B 206 -1.92 -29.36 -10.50
N ILE B 207 -3.14 -29.82 -10.28
CA ILE B 207 -3.84 -29.55 -9.02
C ILE B 207 -3.02 -29.72 -7.73
N ASP B 208 -2.16 -30.74 -7.67
CA ASP B 208 -1.34 -30.98 -6.48
C ASP B 208 -0.19 -29.97 -6.30
N GLU B 209 0.53 -29.69 -7.39
CA GLU B 209 1.63 -28.73 -7.35
C GLU B 209 1.07 -27.36 -7.01
N ILE B 210 -0.07 -27.05 -7.62
CA ILE B 210 -0.76 -25.79 -7.40
C ILE B 210 -1.19 -25.59 -5.94
N ILE B 211 -1.93 -26.55 -5.39
CA ILE B 211 -2.39 -26.44 -4.01
C ILE B 211 -1.21 -26.30 -3.07
N GLU B 212 -0.12 -26.99 -3.40
CA GLU B 212 1.07 -26.92 -2.57
C GLU B 212 1.53 -25.47 -2.38
N ASP B 213 1.64 -24.73 -3.49
CA ASP B 213 2.08 -23.35 -3.42
C ASP B 213 1.08 -22.48 -2.64
N VAL B 214 -0.19 -22.60 -3.00
CA VAL B 214 -1.25 -21.86 -2.31
C VAL B 214 -1.09 -22.09 -0.81
N LYS B 215 -1.19 -23.36 -0.43
CA LYS B 215 -1.08 -23.81 0.94
C LYS B 215 0.12 -23.21 1.68
N THR B 216 1.28 -23.24 1.04
CA THR B 216 2.48 -22.73 1.67
C THR B 216 2.89 -21.30 1.37
N LYS B 217 1.93 -20.45 1.02
CA LYS B 217 2.29 -19.06 0.74
C LYS B 217 2.68 -18.34 2.03
N GLY B 218 3.01 -19.12 3.06
CA GLY B 218 3.46 -18.56 4.31
C GLY B 218 4.93 -18.32 4.07
N GLU B 219 5.28 -18.30 2.78
CA GLU B 219 6.65 -18.06 2.34
C GLU B 219 6.92 -16.56 2.26
N GLN B 220 5.92 -15.74 2.52
CA GLN B 220 6.12 -14.29 2.53
C GLN B 220 6.93 -14.10 3.80
N ILE B 221 6.53 -14.81 4.84
CA ILE B 221 7.19 -14.75 6.12
C ILE B 221 8.66 -15.09 5.93
N ILE B 222 8.94 -16.34 5.55
CA ILE B 222 10.32 -16.76 5.35
C ILE B 222 11.06 -15.92 4.30
N ARG B 223 10.46 -15.71 3.13
CA ARG B 223 11.11 -14.90 2.08
C ARG B 223 11.27 -13.46 2.55
N LEU B 224 12.42 -13.21 3.16
CA LEU B 224 12.79 -11.91 3.72
C LEU B 224 11.67 -10.88 3.77
N LYS B 225 10.58 -11.25 4.44
CA LYS B 225 9.44 -10.35 4.62
C LYS B 225 8.84 -10.65 5.97
N GLY B 226 8.19 -9.66 6.57
CA GLY B 226 7.57 -9.86 7.87
C GLY B 226 6.60 -11.02 7.83
N GLY B 227 5.76 -11.06 6.79
CA GLY B 227 4.81 -12.14 6.69
C GLY B 227 3.69 -11.93 5.69
N SER B 228 3.42 -10.68 5.36
CA SER B 228 2.37 -10.34 4.41
C SER B 228 2.06 -8.89 4.54
N GLU B 229 1.83 -8.26 3.41
CA GLU B 229 1.56 -6.85 3.42
C GLU B 229 0.26 -6.53 2.70
N PHE B 230 0.39 -6.39 1.39
CA PHE B 230 -0.73 -6.01 0.56
C PHE B 230 -1.65 -7.14 0.15
N GLY B 231 -1.10 -8.34 -0.01
CA GLY B 231 -1.92 -9.47 -0.40
C GLY B 231 -3.23 -9.43 0.38
N PRO B 232 -3.15 -9.59 1.71
CA PRO B 232 -4.28 -9.59 2.64
C PRO B 232 -5.14 -8.33 2.55
N ALA B 233 -4.51 -7.18 2.78
CA ALA B 233 -5.21 -5.90 2.72
C ALA B 233 -6.12 -5.84 1.50
N ALA B 234 -5.57 -6.19 0.34
CA ALA B 234 -6.36 -6.18 -0.89
C ALA B 234 -7.63 -7.04 -0.71
N ALA B 235 -7.48 -8.23 -0.13
CA ALA B 235 -8.63 -9.13 0.10
C ALA B 235 -9.62 -8.50 1.07
N ILE B 236 -9.11 -8.12 2.23
CA ILE B 236 -9.90 -7.49 3.27
C ILE B 236 -10.79 -6.38 2.68
N LEU B 237 -10.16 -5.43 1.99
CA LEU B 237 -10.87 -4.31 1.37
C LEU B 237 -12.07 -4.82 0.58
N ASN B 238 -11.84 -5.87 -0.21
CA ASN B 238 -12.90 -6.46 -1.03
C ASN B 238 -14.06 -6.94 -0.18
N VAL B 239 -13.73 -7.67 0.87
CA VAL B 239 -14.73 -8.21 1.78
C VAL B 239 -15.49 -7.10 2.51
N VAL B 240 -14.83 -5.99 2.78
CA VAL B 240 -15.48 -4.90 3.46
C VAL B 240 -16.43 -4.21 2.49
N ARG B 241 -15.98 -4.10 1.25
CA ARG B 241 -16.75 -3.46 0.20
C ARG B 241 -18.01 -4.27 -0.01
N CYS B 242 -17.85 -5.57 0.19
CA CYS B 242 -18.93 -6.52 0.02
C CYS B 242 -20.01 -6.31 1.06
N ILE B 243 -19.59 -5.99 2.27
CA ILE B 243 -20.49 -5.75 3.40
C ILE B 243 -21.22 -4.42 3.29
N VAL B 244 -20.44 -3.34 3.24
CA VAL B 244 -20.98 -1.98 3.15
C VAL B 244 -21.95 -1.83 1.98
N ASN B 245 -21.68 -2.54 0.89
CA ASN B 245 -22.53 -2.46 -0.28
C ASN B 245 -23.52 -3.60 -0.39
N ASN B 246 -23.59 -4.43 0.65
CA ASN B 246 -24.57 -5.50 0.66
C ASN B 246 -24.52 -6.25 -0.66
N GLU B 247 -23.32 -6.52 -1.15
CA GLU B 247 -23.15 -7.19 -2.43
C GLU B 247 -23.80 -8.55 -2.60
N LYS B 248 -23.90 -9.31 -1.52
CA LYS B 248 -24.50 -10.61 -1.58
C LYS B 248 -23.64 -11.61 -2.35
N ARG B 249 -22.32 -11.53 -2.18
CA ARG B 249 -21.39 -12.45 -2.85
C ARG B 249 -21.28 -13.80 -2.15
N LEU B 250 -20.94 -14.82 -2.91
CA LEU B 250 -20.81 -16.15 -2.37
C LEU B 250 -19.35 -16.46 -2.07
N LEU B 251 -18.78 -15.72 -1.13
CA LEU B 251 -17.38 -15.90 -0.77
C LEU B 251 -17.11 -17.15 0.05
N THR B 252 -15.84 -17.37 0.35
CA THR B 252 -15.42 -18.51 1.14
C THR B 252 -14.64 -17.93 2.30
N LEU B 253 -15.34 -17.66 3.39
CA LEU B 253 -14.74 -17.09 4.58
C LEU B 253 -14.78 -18.07 5.72
N SER B 254 -14.02 -17.78 6.76
CA SER B 254 -13.99 -18.61 7.96
C SER B 254 -15.22 -18.18 8.77
N ALA B 255 -16.26 -19.02 8.77
CA ALA B 255 -17.48 -18.70 9.49
C ALA B 255 -17.93 -19.87 10.35
N TYR B 256 -18.88 -19.62 11.24
CA TYR B 256 -19.36 -20.69 12.10
C TYR B 256 -20.34 -21.56 11.34
N VAL B 257 -20.03 -22.85 11.28
CA VAL B 257 -20.86 -23.82 10.60
C VAL B 257 -21.44 -24.76 11.66
N ASP B 258 -22.61 -25.31 11.36
CA ASP B 258 -23.26 -26.22 12.30
C ASP B 258 -24.25 -27.12 11.56
N GLY B 259 -23.72 -28.11 10.85
CA GLY B 259 -24.58 -29.02 10.14
C GLY B 259 -24.83 -28.70 8.68
N GLU B 260 -24.60 -27.45 8.28
CA GLU B 260 -24.79 -27.06 6.88
C GLU B 260 -24.12 -28.10 6.00
N PHE B 261 -23.00 -28.62 6.47
CA PHE B 261 -22.27 -29.66 5.75
C PHE B 261 -22.27 -30.84 6.72
N ASP B 262 -23.02 -31.87 6.36
CA ASP B 262 -23.15 -33.07 7.19
C ASP B 262 -21.82 -33.61 7.70
N GLY B 263 -21.70 -33.71 9.02
CA GLY B 263 -20.48 -34.20 9.63
C GLY B 263 -19.61 -33.05 10.10
N ILE B 264 -20.07 -31.82 9.90
CA ILE B 264 -19.33 -30.64 10.33
C ILE B 264 -20.20 -29.80 11.27
N ARG B 265 -19.91 -29.86 12.56
CA ARG B 265 -20.65 -29.10 13.55
C ARG B 265 -19.74 -28.41 14.57
N ASP B 266 -20.27 -27.37 15.20
CA ASP B 266 -19.57 -26.59 16.22
C ASP B 266 -18.10 -26.25 15.91
N VAL B 267 -17.87 -25.52 14.83
CA VAL B 267 -16.53 -25.12 14.42
C VAL B 267 -16.57 -23.93 13.45
N CYS B 268 -15.58 -23.06 13.52
CA CYS B 268 -15.50 -21.95 12.57
C CYS B 268 -14.50 -22.48 11.56
N ILE B 269 -14.87 -22.47 10.29
CA ILE B 269 -13.99 -23.00 9.26
C ILE B 269 -14.26 -22.32 7.94
N GLY B 270 -13.36 -22.50 6.98
CA GLY B 270 -13.55 -21.88 5.68
C GLY B 270 -14.66 -22.56 4.92
N VAL B 271 -15.79 -21.87 4.78
CA VAL B 271 -16.92 -22.42 4.06
C VAL B 271 -17.59 -21.34 3.26
N PRO B 272 -18.33 -21.72 2.21
CA PRO B 272 -19.04 -20.76 1.35
C PRO B 272 -20.18 -20.11 2.10
N VAL B 273 -20.27 -18.79 2.00
CA VAL B 273 -21.32 -18.03 2.67
C VAL B 273 -21.79 -16.88 1.80
N LYS B 274 -22.96 -16.33 2.14
CA LYS B 274 -23.50 -15.21 1.39
C LYS B 274 -23.29 -13.97 2.26
N ILE B 275 -22.33 -13.13 1.86
CA ILE B 275 -22.01 -11.92 2.63
C ILE B 275 -22.77 -10.70 2.15
N GLY B 276 -23.32 -9.97 3.12
CA GLY B 276 -24.08 -8.78 2.81
C GLY B 276 -23.93 -7.79 3.92
N ARG B 277 -24.87 -6.85 3.99
CA ARG B 277 -24.85 -5.81 4.99
C ARG B 277 -24.99 -6.37 6.40
N ASP B 278 -25.37 -7.64 6.52
CA ASP B 278 -25.56 -8.25 7.83
C ASP B 278 -24.54 -9.36 8.12
N GLY B 279 -23.38 -9.26 7.49
CA GLY B 279 -22.36 -10.27 7.71
C GLY B 279 -22.62 -11.58 6.99
N ILE B 280 -22.36 -12.69 7.68
CA ILE B 280 -22.57 -14.03 7.12
C ILE B 280 -24.06 -14.38 7.14
N GLU B 281 -24.78 -13.85 6.16
CA GLU B 281 -26.22 -14.03 6.02
C GLU B 281 -26.69 -15.43 5.66
N GLU B 282 -25.75 -16.35 5.46
CA GLU B 282 -26.12 -17.72 5.10
C GLU B 282 -24.87 -18.56 4.90
N VAL B 283 -24.88 -19.81 5.35
CA VAL B 283 -23.74 -20.69 5.15
C VAL B 283 -24.17 -21.67 4.07
N VAL B 284 -24.00 -21.26 2.81
CA VAL B 284 -24.38 -22.05 1.66
C VAL B 284 -24.00 -23.52 1.74
N SER B 285 -25.00 -24.38 1.75
CA SER B 285 -24.71 -25.80 1.84
C SER B 285 -24.96 -26.51 0.52
N ILE B 286 -23.88 -26.85 -0.19
CA ILE B 286 -24.02 -27.56 -1.45
C ILE B 286 -23.39 -28.92 -1.32
N GLU B 287 -23.94 -29.89 -2.05
CA GLU B 287 -23.41 -31.23 -2.00
C GLU B 287 -22.03 -31.27 -2.62
N LEU B 288 -21.05 -31.70 -1.84
CA LEU B 288 -19.68 -31.82 -2.34
C LEU B 288 -19.54 -33.20 -2.98
N ASP B 289 -18.32 -33.60 -3.27
CA ASP B 289 -18.11 -34.91 -3.85
C ASP B 289 -17.73 -35.84 -2.71
N LYS B 290 -17.64 -37.13 -3.02
CA LYS B 290 -17.29 -38.08 -1.99
C LYS B 290 -16.05 -37.65 -1.20
N ASP B 291 -14.91 -37.49 -1.87
CA ASP B 291 -13.70 -37.12 -1.17
C ASP B 291 -13.60 -35.67 -0.69
N GLU B 292 -14.30 -34.76 -1.36
CA GLU B 292 -14.23 -33.37 -0.92
C GLU B 292 -14.80 -33.27 0.50
N ILE B 293 -15.90 -33.98 0.74
CA ILE B 293 -16.53 -33.93 2.05
C ILE B 293 -15.77 -34.75 3.08
N ILE B 294 -15.04 -35.75 2.63
CA ILE B 294 -14.25 -36.59 3.51
C ILE B 294 -13.09 -35.71 3.98
N ALA B 295 -12.46 -35.04 3.00
CA ALA B 295 -11.34 -34.15 3.28
C ALA B 295 -11.79 -32.92 4.05
N PHE B 296 -13.01 -32.47 3.78
CA PHE B 296 -13.54 -31.31 4.49
C PHE B 296 -13.84 -31.72 5.93
N ARG B 297 -14.07 -33.01 6.13
CA ARG B 297 -14.35 -33.54 7.46
C ARG B 297 -13.07 -33.49 8.31
N LYS B 298 -11.98 -34.01 7.75
CA LYS B 298 -10.70 -34.03 8.43
C LYS B 298 -10.19 -32.64 8.77
N SER B 299 -10.43 -31.69 7.87
CA SER B 299 -9.98 -30.33 8.10
C SER B 299 -10.64 -29.77 9.35
N ALA B 300 -11.96 -29.85 9.38
CA ALA B 300 -12.73 -29.36 10.53
C ALA B 300 -12.30 -30.06 11.81
N GLU B 301 -11.98 -31.36 11.71
CA GLU B 301 -11.55 -32.09 12.87
C GLU B 301 -10.32 -31.40 13.42
N ILE B 302 -9.32 -31.20 12.57
CA ILE B 302 -8.09 -30.54 12.98
C ILE B 302 -8.39 -29.24 13.71
N ILE B 303 -9.09 -28.34 13.02
CA ILE B 303 -9.44 -27.03 13.57
C ILE B 303 -10.17 -27.11 14.91
N LYS B 304 -11.14 -28.00 15.02
CA LYS B 304 -11.91 -28.16 16.25
C LYS B 304 -10.99 -28.42 17.43
N LYS B 305 -10.03 -29.31 17.23
CA LYS B 305 -9.08 -29.66 18.27
C LYS B 305 -8.55 -28.39 18.92
N TYR B 306 -8.02 -27.49 18.10
CA TYR B 306 -7.49 -26.22 18.62
C TYR B 306 -8.56 -25.38 19.29
N CYS B 307 -9.76 -25.35 18.70
CA CYS B 307 -10.85 -24.58 19.25
C CYS B 307 -11.13 -24.92 20.72
N GLU B 308 -10.95 -26.19 21.06
CA GLU B 308 -11.18 -26.62 22.44
C GLU B 308 -10.13 -26.03 23.34
N GLU B 309 -8.88 -26.26 23.00
CA GLU B 309 -7.77 -25.75 23.77
C GLU B 309 -7.87 -24.23 23.99
N VAL B 310 -8.64 -23.57 23.15
CA VAL B 310 -8.77 -22.12 23.23
C VAL B 310 -10.08 -21.61 23.80
N LYS B 311 -11.15 -22.38 23.62
CA LYS B 311 -12.49 -21.98 24.07
C LYS B 311 -12.55 -21.24 25.40
N ASN B 312 -11.68 -21.60 26.34
CA ASN B 312 -11.70 -20.94 27.64
C ASN B 312 -10.39 -20.30 28.06
N LEU B 313 -9.95 -19.29 27.34
CA LEU B 313 -8.70 -18.61 27.68
C LEU B 313 -9.00 -17.14 27.90
#